data_6Q9L
#
_entry.id   6Q9L
#
_cell.length_a   56.773
_cell.length_b   87.407
_cell.length_c   37.141
_cell.angle_alpha   90.000
_cell.angle_beta   90.000
_cell.angle_gamma   90.000
#
_symmetry.space_group_name_H-M   'P 21 21 2'
#
loop_
_entity.id
_entity.type
_entity.pdbx_description
1 polymer 'E3 ubiquitin-protein ligase Mdm2'
2 non-polymer [6-chloranyl-3-[3-[[4-chloranyl-2-(hydroxymethyl)phenyl]methyl]-5-phenyl-imidazol-4-yl]-1~{H}-indol-2-yl]-[(3~{S})-3-[3-(dimethylamino)propyl-methyl-amino]pyrrolidin-1-yl]methanone
3 non-polymer 'CHLORIDE ION'
4 water water
#
_entity_poly.entity_id   1
_entity_poly.type   'polypeptide(L)'
_entity_poly.pdbx_seq_one_letter_code
;GSQIPASEQETLVRPKPLLLKLLKSVGAQKDTYTMKEVLFYLGQYIMTKRLYDEKQQHIVYCSNDLLGDLFGVPSFSVKE
HRKIYTMIYRNLVVVN
;
_entity_poly.pdbx_strand_id   A,B
#
loop_
_chem_comp.id
_chem_comp.type
_chem_comp.name
_chem_comp.formula
CL non-polymer 'CHLORIDE ION' 'Cl -1'
HTZ non-polymer [6-chloranyl-3-[3-[[4-chloranyl-2-(hydroxymethyl)phenyl]methyl]-5-phenyl-imidazol-4-yl]-1~{H}-indol-2-yl]-[(3~{S})-3-[3-(dimethylamino)propyl-methyl-amino]pyrrolidin-1-yl]methanone 'C36 H40 Cl2 N6 O2'
#
# COMPACT_ATOMS: atom_id res chain seq x y z
N GLN A 3 -16.39 -23.87 -11.28
CA GLN A 3 -16.69 -24.11 -9.85
C GLN A 3 -17.40 -22.92 -9.21
N ILE A 4 -17.05 -21.73 -9.67
CA ILE A 4 -17.59 -20.49 -9.14
C ILE A 4 -18.27 -19.74 -10.28
N PRO A 5 -19.55 -19.40 -10.12
CA PRO A 5 -20.21 -18.71 -11.23
C PRO A 5 -19.52 -17.40 -11.63
N ALA A 6 -19.55 -17.09 -12.92
CA ALA A 6 -18.93 -15.88 -13.44
C ALA A 6 -19.45 -14.65 -12.70
N SER A 7 -20.74 -14.63 -12.38
CA SER A 7 -21.35 -13.52 -11.65
C SER A 7 -20.67 -13.30 -10.31
N GLU A 8 -20.29 -14.39 -9.66
CA GLU A 8 -19.63 -14.26 -8.37
C GLU A 8 -18.16 -13.85 -8.50
N GLN A 9 -17.50 -14.38 -9.52
CA GLN A 9 -16.13 -13.98 -9.78
C GLN A 9 -16.08 -12.47 -10.06
N GLU A 10 -17.14 -11.92 -10.65
CA GLU A 10 -17.17 -10.51 -11.02
C GLU A 10 -17.58 -9.57 -9.88
N THR A 11 -17.88 -10.15 -8.69
CA THR A 11 -18.32 -9.37 -7.51
C THR A 11 -17.24 -8.37 -7.10
N LEU A 12 -17.64 -7.13 -6.81
CA LEU A 12 -16.73 -6.09 -6.39
C LEU A 12 -16.55 -6.13 -4.87
N VAL A 13 -15.30 -6.07 -4.41
CA VAL A 13 -14.97 -6.28 -3.01
C VAL A 13 -13.89 -5.32 -2.55
N ARG A 14 -13.86 -5.09 -1.25
CA ARG A 14 -12.87 -4.21 -0.64
C ARG A 14 -12.14 -5.02 0.41
N PRO A 15 -10.90 -5.45 0.10
CA PRO A 15 -10.12 -6.22 1.07
C PRO A 15 -9.93 -5.47 2.37
N LYS A 16 -10.00 -6.22 3.47
CA LYS A 16 -9.66 -5.69 4.78
C LYS A 16 -8.13 -5.43 4.80
N PRO A 17 -7.62 -4.58 5.74
CA PRO A 17 -6.21 -4.11 5.64
C PRO A 17 -5.11 -5.15 5.47
N LEU A 18 -5.20 -6.29 6.17
CA LEU A 18 -4.15 -7.29 6.08
C LEU A 18 -4.19 -8.07 4.75
N LEU A 19 -5.36 -8.46 4.26
CA LEU A 19 -5.45 -9.00 2.90
C LEU A 19 -4.94 -7.98 1.90
N LEU A 20 -5.32 -6.71 2.06
CA LEU A 20 -4.85 -5.67 1.15
C LEU A 20 -3.32 -5.58 1.11
N LYS A 21 -2.70 -5.59 2.28
CA LYS A 21 -1.26 -5.39 2.33
C LYS A 21 -0.56 -6.58 1.62
N LEU A 22 -1.09 -7.78 1.84
CA LEU A 22 -0.63 -8.99 1.16
C LEU A 22 -0.77 -8.89 -0.38
N LEU A 23 -1.94 -8.47 -0.84
CA LEU A 23 -2.12 -8.20 -2.27
C LEU A 23 -1.11 -7.17 -2.81
N LYS A 24 -0.97 -6.06 -2.11
CA LYS A 24 -0.04 -5.04 -2.60
C LYS A 24 1.43 -5.51 -2.57
N SER A 25 1.77 -6.43 -1.67
CA SER A 25 3.13 -6.98 -1.62
C SER A 25 3.51 -7.75 -2.87
N VAL A 26 2.52 -8.13 -3.68
CA VAL A 26 2.79 -8.77 -4.95
C VAL A 26 2.33 -7.96 -6.15
N GLY A 27 2.22 -6.65 -5.96
CA GLY A 27 2.06 -5.72 -7.06
C GLY A 27 0.68 -5.19 -7.32
N ALA A 28 -0.30 -5.56 -6.51
CA ALA A 28 -1.66 -5.07 -6.67
C ALA A 28 -1.69 -3.56 -6.49
N GLN A 29 -2.45 -2.86 -7.34
CA GLN A 29 -2.39 -1.39 -7.44
C GLN A 29 -3.66 -0.67 -6.98
N LYS A 30 -4.70 -1.41 -6.61
CA LYS A 30 -6.02 -0.83 -6.31
C LYS A 30 -6.43 -1.01 -4.85
N ASP A 31 -7.51 -0.34 -4.46
CA ASP A 31 -8.10 -0.52 -3.13
C ASP A 31 -9.35 -1.40 -3.13
N THR A 32 -9.93 -1.61 -4.30
CA THR A 32 -11.06 -2.52 -4.49
C THR A 32 -10.72 -3.38 -5.69
N TYR A 33 -11.40 -4.52 -5.78
CA TYR A 33 -11.09 -5.54 -6.76
C TYR A 33 -12.32 -6.33 -7.09
N THR A 34 -12.35 -7.00 -8.22
CA THR A 34 -13.28 -8.09 -8.35
C THR A 34 -12.73 -9.31 -7.60
N MET A 35 -13.59 -10.26 -7.27
CA MET A 35 -13.07 -11.52 -6.68
C MET A 35 -12.08 -12.17 -7.64
N LYS A 36 -12.32 -12.11 -8.94
CA LYS A 36 -11.39 -12.71 -9.90
C LYS A 36 -9.99 -12.10 -9.75
N GLU A 37 -9.92 -10.80 -9.58
CA GLU A 37 -8.66 -10.10 -9.34
C GLU A 37 -8.01 -10.49 -8.01
N VAL A 38 -8.80 -10.63 -6.95
CA VAL A 38 -8.26 -11.07 -5.65
C VAL A 38 -7.60 -12.45 -5.83
N LEU A 39 -8.31 -13.35 -6.47
CA LEU A 39 -7.76 -14.69 -6.66
C LEU A 39 -6.50 -14.65 -7.50
N PHE A 40 -6.49 -13.83 -8.54
CA PHE A 40 -5.32 -13.68 -9.41
C PHE A 40 -4.10 -13.27 -8.59
N TYR A 41 -4.21 -12.26 -7.74
CA TYR A 41 -3.09 -11.81 -6.94
C TYR A 41 -2.73 -12.81 -5.84
N LEU A 42 -3.70 -13.47 -5.20
CA LEU A 42 -3.34 -14.53 -4.24
C LEU A 42 -2.60 -15.67 -4.92
N GLY A 43 -2.91 -15.98 -6.18
CA GLY A 43 -2.11 -16.97 -6.92
C GLY A 43 -0.67 -16.54 -7.10
N GLN A 44 -0.46 -15.26 -7.41
CA GLN A 44 0.89 -14.69 -7.51
C GLN A 44 1.64 -14.81 -6.18
N TYR A 45 0.94 -14.54 -5.08
CA TYR A 45 1.50 -14.61 -3.76
C TYR A 45 1.99 -16.04 -3.45
N ILE A 46 1.12 -17.02 -3.69
CA ILE A 46 1.43 -18.41 -3.36
C ILE A 46 2.58 -18.91 -4.25
N MET A 47 2.55 -18.56 -5.53
CA MET A 47 3.56 -18.99 -6.47
C MET A 47 4.91 -18.40 -6.15
N THR A 48 4.97 -17.09 -5.98
CA THR A 48 6.25 -16.43 -5.78
C THR A 48 6.84 -16.78 -4.40
N LYS A 49 6.01 -17.08 -3.42
CA LYS A 49 6.50 -17.48 -2.11
C LYS A 49 6.74 -18.99 -2.03
N ARG A 50 6.44 -19.70 -3.12
CA ARG A 50 6.66 -21.14 -3.21
C ARG A 50 6.05 -21.89 -2.02
N LEU A 51 4.77 -21.60 -1.76
CA LEU A 51 4.06 -22.26 -0.64
C LEU A 51 3.50 -23.61 -1.03
N TYR A 52 3.55 -23.97 -2.31
CA TYR A 52 2.93 -25.22 -2.77
C TYR A 52 3.89 -26.41 -2.64
N ASP A 53 3.31 -27.61 -2.52
CA ASP A 53 4.14 -28.82 -2.50
C ASP A 53 4.91 -28.99 -3.79
N GLU A 54 6.14 -29.46 -3.69
CA GLU A 54 6.97 -29.63 -4.89
C GLU A 54 6.41 -30.60 -5.91
N LYS A 55 5.71 -31.62 -5.43
CA LYS A 55 5.23 -32.71 -6.27
C LYS A 55 3.74 -32.57 -6.61
N GLN A 56 2.91 -32.53 -5.58
CA GLN A 56 1.48 -32.31 -5.76
C GLN A 56 1.25 -30.83 -5.63
N GLN A 57 1.38 -30.13 -6.75
CA GLN A 57 1.52 -28.67 -6.72
C GLN A 57 0.19 -27.94 -6.49
N HIS A 58 -0.90 -28.69 -6.34
CA HIS A 58 -2.17 -28.15 -5.90
C HIS A 58 -2.30 -28.08 -4.37
N ILE A 59 -1.37 -28.64 -3.62
CA ILE A 59 -1.40 -28.59 -2.18
C ILE A 59 -0.57 -27.41 -1.72
N VAL A 60 -1.17 -26.57 -0.88
CA VAL A 60 -0.54 -25.36 -0.37
C VAL A 60 -0.32 -25.47 1.14
N TYR A 61 0.89 -25.19 1.59
CA TYR A 61 1.24 -25.18 3.01
C TYR A 61 1.41 -23.75 3.45
N CYS A 62 0.62 -23.34 4.43
CA CYS A 62 0.61 -21.94 4.83
C CYS A 62 0.73 -21.72 6.33
N SER A 63 1.12 -22.76 7.08
CA SER A 63 1.17 -22.66 8.55
C SER A 63 2.30 -21.74 9.02
N ASN A 64 3.30 -21.51 8.18
CA ASN A 64 4.38 -20.58 8.51
C ASN A 64 4.32 -19.27 7.74
N ASP A 65 3.13 -18.96 7.22
CA ASP A 65 2.89 -17.75 6.45
C ASP A 65 1.69 -16.98 6.96
N LEU A 66 1.69 -15.66 6.73
CA LEU A 66 0.52 -14.86 7.07
C LEU A 66 -0.76 -15.34 6.40
N LEU A 67 -0.64 -15.93 5.21
CA LEU A 67 -1.82 -16.52 4.57
C LEU A 67 -2.55 -17.50 5.48
N GLY A 68 -1.81 -18.30 6.25
CA GLY A 68 -2.47 -19.24 7.18
C GLY A 68 -3.28 -18.56 8.26
N ASP A 69 -2.78 -17.42 8.73
CA ASP A 69 -3.53 -16.64 9.70
C ASP A 69 -4.77 -16.06 9.08
N LEU A 70 -4.67 -15.55 7.84
CA LEU A 70 -5.84 -14.97 7.18
C LEU A 70 -6.91 -16.00 6.91
N PHE A 71 -6.51 -17.19 6.45
CA PHE A 71 -7.47 -18.23 6.09
C PHE A 71 -7.90 -19.08 7.27
N GLY A 72 -7.09 -19.12 8.32
CA GLY A 72 -7.46 -19.94 9.50
C GLY A 72 -7.15 -21.44 9.30
N VAL A 73 -6.22 -21.78 8.39
CA VAL A 73 -5.85 -23.15 8.13
C VAL A 73 -4.33 -23.27 7.97
N PRO A 74 -3.76 -24.46 8.22
CA PRO A 74 -2.32 -24.69 7.97
C PRO A 74 -1.99 -25.08 6.54
N SER A 75 -3.00 -25.51 5.79
CA SER A 75 -2.79 -26.02 4.43
C SER A 75 -4.16 -26.19 3.78
N PHE A 76 -4.19 -26.22 2.45
CA PHE A 76 -5.42 -26.42 1.68
C PHE A 76 -5.07 -26.90 0.29
N SER A 77 -6.09 -27.40 -0.41
CA SER A 77 -5.95 -27.76 -1.80
C SER A 77 -6.56 -26.67 -2.69
N VAL A 78 -5.84 -26.28 -3.74
CA VAL A 78 -6.33 -25.23 -4.66
C VAL A 78 -7.48 -25.73 -5.53
N LYS A 79 -7.77 -27.02 -5.53
CA LYS A 79 -8.88 -27.53 -6.33
C LYS A 79 -10.25 -27.27 -5.68
N GLU A 80 -10.25 -26.85 -4.42
CA GLU A 80 -11.50 -26.67 -3.68
C GLU A 80 -11.95 -25.21 -3.69
N HIS A 81 -12.48 -24.78 -4.84
CA HIS A 81 -12.67 -23.34 -5.03
C HIS A 81 -13.69 -22.71 -4.06
N ARG A 82 -14.80 -23.41 -3.80
CA ARG A 82 -15.80 -22.89 -2.86
C ARG A 82 -15.21 -22.73 -1.47
N LYS A 83 -14.45 -23.71 -0.98
CA LYS A 83 -13.82 -23.58 0.34
C LYS A 83 -12.92 -22.37 0.39
N ILE A 84 -12.16 -22.13 -0.69
CA ILE A 84 -11.27 -20.98 -0.75
C ILE A 84 -12.02 -19.65 -0.75
N TYR A 85 -13.08 -19.58 -1.54
CA TYR A 85 -13.91 -18.39 -1.56
C TYR A 85 -14.44 -18.11 -0.17
N THR A 86 -14.89 -19.14 0.53
CA THR A 86 -15.46 -18.96 1.87
C THR A 86 -14.44 -18.37 2.83
N MET A 87 -13.20 -18.85 2.73
CA MET A 87 -12.12 -18.28 3.55
C MET A 87 -11.81 -16.83 3.18
N ILE A 88 -11.82 -16.51 1.90
CA ILE A 88 -11.53 -15.16 1.46
C ILE A 88 -12.62 -14.17 1.89
N TYR A 89 -13.87 -14.58 1.84
CA TYR A 89 -14.96 -13.66 2.22
C TYR A 89 -14.84 -13.18 3.67
N ARG A 90 -14.20 -13.94 4.55
CA ARG A 90 -13.98 -13.49 5.92
C ARG A 90 -12.93 -12.39 6.02
N ASN A 91 -12.28 -12.08 4.89
CA ASN A 91 -11.19 -11.13 4.85
C ASN A 91 -11.45 -9.89 3.99
N LEU A 92 -12.69 -9.69 3.63
CA LEU A 92 -13.04 -8.55 2.79
C LEU A 92 -14.51 -8.23 3.02
N VAL A 93 -14.91 -7.10 2.46
CA VAL A 93 -16.29 -6.65 2.49
C VAL A 93 -16.78 -6.56 1.04
N VAL A 94 -17.93 -7.16 0.78
CA VAL A 94 -18.54 -7.07 -0.55
C VAL A 94 -19.11 -5.67 -0.76
N VAL A 95 -18.76 -5.10 -1.91
CA VAL A 95 -19.21 -3.77 -2.28
C VAL A 95 -20.43 -3.83 -3.17
N ASN A 96 -20.38 -4.66 -4.21
CA ASN A 96 -21.44 -4.68 -5.21
C ASN A 96 -21.44 -5.96 -6.01
N GLN B 3 -4.91 5.99 -7.01
CA GLN B 3 -3.93 7.03 -7.39
C GLN B 3 -4.41 8.42 -6.97
N ILE B 4 -3.46 9.35 -6.80
CA ILE B 4 -3.84 10.72 -6.44
C ILE B 4 -4.33 11.46 -7.71
N PRO B 5 -5.58 11.92 -7.73
CA PRO B 5 -6.07 12.59 -8.94
C PRO B 5 -5.39 13.95 -9.15
N ALA B 6 -5.31 14.36 -10.41
CA ALA B 6 -4.70 15.64 -10.75
C ALA B 6 -5.33 16.79 -9.96
N SER B 7 -6.65 16.74 -9.77
CA SER B 7 -7.35 17.80 -9.04
C SER B 7 -6.83 17.95 -7.60
N GLU B 8 -6.49 16.83 -6.97
CA GLU B 8 -5.96 16.89 -5.61
C GLU B 8 -4.53 17.40 -5.57
N GLN B 9 -3.73 17.05 -6.57
CA GLN B 9 -2.37 17.52 -6.67
C GLN B 9 -2.35 19.05 -6.77
N GLU B 10 -3.42 19.64 -7.31
CA GLU B 10 -3.54 21.08 -7.54
C GLU B 10 -4.01 21.86 -6.31
N THR B 11 -4.31 21.16 -5.21
CA THR B 11 -4.81 21.78 -3.97
C THR B 11 -3.82 22.80 -3.44
N LEU B 12 -4.28 24.02 -3.09
CA LEU B 12 -3.44 25.05 -2.50
C LEU B 12 -3.40 24.87 -0.99
N VAL B 13 -2.19 24.94 -0.45
CA VAL B 13 -1.96 24.62 0.94
C VAL B 13 -0.98 25.60 1.58
N ARG B 14 -1.06 25.72 2.91
CA ARG B 14 -0.19 26.55 3.74
C ARG B 14 0.49 25.65 4.76
N PRO B 15 1.76 25.26 4.49
CA PRO B 15 2.51 24.45 5.43
C PRO B 15 2.57 25.04 6.83
N LYS B 16 2.42 24.17 7.83
CA LYS B 16 2.62 24.53 9.21
C LYS B 16 4.12 24.80 9.41
N PRO B 17 4.47 25.45 10.53
CA PRO B 17 5.84 25.90 10.70
C PRO B 17 6.97 24.88 10.47
N LEU B 18 6.86 23.66 11.00
CA LEU B 18 7.96 22.71 10.84
C LEU B 18 8.17 22.26 9.39
N LEU B 19 7.08 21.98 8.70
CA LEU B 19 7.19 21.62 7.29
C LEU B 19 7.70 22.80 6.46
N LEU B 20 7.26 24.02 6.77
CA LEU B 20 7.75 25.16 6.03
C LEU B 20 9.25 25.31 6.16
N LYS B 21 9.77 25.13 7.36
CA LYS B 21 11.21 25.20 7.57
C LYS B 21 11.94 24.14 6.72
N LEU B 22 11.42 22.92 6.69
CA LEU B 22 11.99 21.88 5.86
C LEU B 22 12.01 22.27 4.38
N LEU B 23 10.89 22.76 3.88
CA LEU B 23 10.80 23.15 2.49
C LEU B 23 11.81 24.25 2.17
N LYS B 24 11.93 25.23 3.04
CA LYS B 24 12.89 26.30 2.77
C LYS B 24 14.34 25.78 2.77
N SER B 25 14.63 24.72 3.52
CA SER B 25 15.98 24.17 3.56
C SER B 25 16.39 23.53 2.22
N VAL B 26 15.39 23.21 1.39
CA VAL B 26 15.70 22.70 0.07
C VAL B 26 15.41 23.73 -1.00
N GLY B 27 15.26 25.00 -0.63
CA GLY B 27 15.27 26.05 -1.64
C GLY B 27 13.92 26.63 -1.97
N ALA B 28 12.85 26.14 -1.36
CA ALA B 28 11.55 26.73 -1.56
C ALA B 28 11.55 28.15 -0.98
N GLN B 29 10.77 29.06 -1.58
CA GLN B 29 10.75 30.44 -1.10
C GLN B 29 9.34 31.03 -0.99
N LYS B 30 8.29 30.21 -0.97
CA LYS B 30 6.90 30.66 -0.79
C LYS B 30 6.29 30.26 0.60
N ASP B 31 5.14 30.85 0.95
CA ASP B 31 4.36 30.41 2.13
C ASP B 31 3.17 29.54 1.76
N THR B 32 2.80 29.56 0.47
CA THR B 32 1.72 28.72 -0.03
C THR B 32 2.25 27.92 -1.19
N TYR B 33 1.70 26.73 -1.38
CA TYR B 33 2.14 25.80 -2.42
C TYR B 33 0.96 25.00 -2.93
N THR B 34 1.12 24.35 -4.08
CA THR B 34 0.22 23.26 -4.43
C THR B 34 0.77 21.98 -3.79
N MET B 35 -0.08 20.99 -3.63
CA MET B 35 0.40 19.69 -3.16
C MET B 35 1.49 19.15 -4.06
N LYS B 36 1.33 19.31 -5.38
CA LYS B 36 2.35 18.87 -6.29
C LYS B 36 3.73 19.46 -5.99
N GLU B 37 3.78 20.74 -5.64
CA GLU B 37 5.03 21.38 -5.25
C GLU B 37 5.57 20.84 -3.94
N VAL B 38 4.70 20.68 -2.95
CA VAL B 38 5.12 20.08 -1.67
C VAL B 38 5.76 18.72 -1.90
N LEU B 39 5.12 17.86 -2.68
CA LEU B 39 5.70 16.54 -2.91
C LEU B 39 7.01 16.64 -3.65
N PHE B 40 7.14 17.55 -4.61
CA PHE B 40 8.37 17.71 -5.35
C PHE B 40 9.54 18.09 -4.42
N TYR B 41 9.33 19.09 -3.57
CA TYR B 41 10.36 19.52 -2.62
C TYR B 41 10.68 18.43 -1.58
N LEU B 42 9.67 17.72 -1.09
CA LEU B 42 9.98 16.61 -0.17
C LEU B 42 10.84 15.55 -0.87
N GLY B 43 10.57 15.28 -2.15
CA GLY B 43 11.40 14.34 -2.91
C GLY B 43 12.83 14.81 -2.98
N GLN B 44 13.02 16.10 -3.24
CA GLN B 44 14.36 16.72 -3.26
C GLN B 44 15.06 16.50 -1.92
N TYR B 45 14.35 16.73 -0.80
CA TYR B 45 14.90 16.57 0.53
C TYR B 45 15.37 15.12 0.73
N ILE B 46 14.51 14.17 0.42
CA ILE B 46 14.83 12.74 0.61
C ILE B 46 16.03 12.32 -0.23
N MET B 47 16.08 12.76 -1.49
CA MET B 47 17.17 12.36 -2.39
C MET B 47 18.45 13.00 -2.00
N THR B 48 18.43 14.28 -1.73
CA THR B 48 19.66 14.97 -1.50
C THR B 48 20.29 14.53 -0.15
N LYS B 49 19.44 14.14 0.80
CA LYS B 49 19.92 13.64 2.08
C LYS B 49 20.13 12.14 2.11
N ARG B 50 19.92 11.45 0.98
CA ARG B 50 20.13 10.01 0.88
C ARG B 50 19.38 9.24 2.00
N LEU B 51 18.11 9.58 2.21
CA LEU B 51 17.26 8.88 3.17
C LEU B 51 16.69 7.57 2.67
N TYR B 52 16.76 7.35 1.37
CA TYR B 52 16.26 6.11 0.78
C TYR B 52 17.25 4.95 1.01
N ASP B 53 16.73 3.73 1.12
CA ASP B 53 17.58 2.54 1.25
C ASP B 53 18.43 2.38 -0.02
N GLU B 54 19.72 2.11 0.14
CA GLU B 54 20.59 2.07 -1.06
C GLU B 54 20.28 0.90 -1.97
N LYS B 55 19.68 -0.16 -1.44
CA LYS B 55 19.29 -1.31 -2.28
C LYS B 55 17.83 -1.19 -2.75
N GLN B 56 16.92 -1.12 -1.77
CA GLN B 56 15.48 -0.99 -2.08
C GLN B 56 15.13 0.47 -2.05
N GLN B 57 15.34 1.14 -3.20
CA GLN B 57 15.34 2.60 -3.21
C GLN B 57 13.97 3.24 -3.13
N HIS B 58 12.91 2.41 -3.06
CA HIS B 58 11.55 2.88 -2.76
C HIS B 58 11.26 2.95 -1.27
N ILE B 59 12.17 2.49 -0.42
CA ILE B 59 12.01 2.56 1.02
C ILE B 59 12.75 3.75 1.56
N VAL B 60 12.07 4.56 2.37
CA VAL B 60 12.66 5.75 2.99
C VAL B 60 12.77 5.51 4.48
N TYR B 61 13.96 5.72 5.02
CA TYR B 61 14.22 5.59 6.46
C TYR B 61 14.37 6.98 7.04
N CYS B 62 13.39 7.38 7.85
CA CYS B 62 13.27 8.76 8.36
C CYS B 62 13.26 8.86 9.88
N SER B 63 13.51 7.76 10.58
CA SER B 63 13.57 7.79 12.04
C SER B 63 14.63 8.79 12.53
N ASN B 64 14.29 9.59 13.55
CA ASN B 64 15.15 10.68 14.09
C ASN B 64 15.64 11.74 13.07
N ASP B 65 14.88 11.93 11.99
CA ASP B 65 15.10 13.00 11.01
C ASP B 65 13.91 13.91 11.15
N LEU B 66 14.06 15.18 10.86
CA LEU B 66 12.91 16.08 10.82
C LEU B 66 11.73 15.46 10.06
N LEU B 67 12.01 14.71 8.99
CA LEU B 67 10.91 14.12 8.22
C LEU B 67 10.13 13.08 9.05
N GLY B 68 10.83 12.25 9.81
CA GLY B 68 10.19 11.29 10.72
C GLY B 68 9.37 11.97 11.80
N ASP B 69 9.86 13.10 12.32
CA ASP B 69 9.12 13.91 13.27
C ASP B 69 7.82 14.38 12.66
N LEU B 70 7.87 14.84 11.43
CA LEU B 70 6.68 15.36 10.75
C LEU B 70 5.68 14.26 10.43
N PHE B 71 6.15 13.10 10.01
CA PHE B 71 5.27 12.05 9.53
C PHE B 71 4.84 11.09 10.62
N GLY B 72 5.59 10.99 11.72
CA GLY B 72 5.18 10.12 12.84
C GLY B 72 5.52 8.64 12.62
N VAL B 73 6.39 8.35 11.67
CA VAL B 73 6.81 6.99 11.35
C VAL B 73 8.31 6.94 11.16
N PRO B 74 8.91 5.76 11.40
CA PRO B 74 10.36 5.59 11.21
C PRO B 74 10.77 5.30 9.78
N SER B 75 9.83 4.87 8.94
CA SER B 75 10.13 4.52 7.56
C SER B 75 8.82 4.37 6.85
N PHE B 76 8.87 4.45 5.51
CA PHE B 76 7.67 4.27 4.67
C PHE B 76 8.14 3.93 3.25
N SER B 77 7.20 3.45 2.45
CA SER B 77 7.41 3.16 1.04
C SER B 77 6.87 4.29 0.18
N VAL B 78 7.67 4.72 -0.79
CA VAL B 78 7.25 5.78 -1.73
C VAL B 78 6.12 5.36 -2.64
N LYS B 79 5.82 4.06 -2.68
CA LYS B 79 4.73 3.57 -3.52
C LYS B 79 3.35 3.86 -2.92
N GLU B 80 3.30 4.17 -1.64
CA GLU B 80 2.05 4.31 -0.94
C GLU B 80 1.60 5.76 -0.95
N HIS B 81 1.13 6.23 -2.10
CA HIS B 81 0.90 7.68 -2.27
C HIS B 81 -0.17 8.20 -1.32
N ARG B 82 -1.28 7.49 -1.16
CA ARG B 82 -2.34 7.97 -0.28
C ARG B 82 -1.81 8.04 1.15
N LYS B 83 -1.07 7.04 1.61
CA LYS B 83 -0.53 7.11 2.96
C LYS B 83 0.37 8.34 3.16
N ILE B 84 1.18 8.64 2.16
CA ILE B 84 2.10 9.78 2.23
C ILE B 84 1.29 11.10 2.24
N TYR B 85 0.28 11.21 1.37
CA TYR B 85 -0.59 12.37 1.41
C TYR B 85 -1.19 12.55 2.80
N THR B 86 -1.64 11.47 3.41
CA THR B 86 -2.26 11.57 4.72
C THR B 86 -1.28 12.14 5.75
N MET B 87 -0.05 11.64 5.74
CA MET B 87 1.02 12.18 6.59
C MET B 87 1.30 13.65 6.34
N ILE B 88 1.34 14.04 5.08
CA ILE B 88 1.58 15.45 4.73
C ILE B 88 0.44 16.35 5.18
N TYR B 89 -0.80 15.90 5.02
CA TYR B 89 -1.93 16.75 5.39
C TYR B 89 -1.93 17.11 6.88
N ARG B 90 -1.32 16.29 7.72
CA ARG B 90 -1.17 16.66 9.15
C ARG B 90 -0.17 17.81 9.38
N ASN B 91 0.54 18.20 8.34
CA ASN B 91 1.57 19.22 8.42
C ASN B 91 1.26 20.50 7.67
N LEU B 92 0.01 20.65 7.27
CA LEU B 92 -0.38 21.83 6.53
C LEU B 92 -1.87 22.09 6.67
N VAL B 93 -2.25 23.25 6.18
CA VAL B 93 -3.64 23.67 6.17
C VAL B 93 -4.06 23.84 4.71
N VAL B 94 -5.16 23.20 4.34
CA VAL B 94 -5.71 23.36 2.99
C VAL B 94 -6.45 24.69 2.95
N VAL B 95 -6.08 25.51 1.97
CA VAL B 95 -6.68 26.84 1.86
C VAL B 95 -7.50 27.04 0.58
N ASN B 96 -7.28 26.24 -0.46
CA ASN B 96 -8.09 26.26 -1.69
C ASN B 96 -7.99 24.91 -2.44
C5 HTZ C . -5.18 -18.74 -6.63
C8 HTZ C . -4.76 -18.95 -8.79
C10 HTZ C . -4.86 -20.08 -6.82
C13 HTZ C . -5.20 -20.48 -4.52
C15 HTZ C . -4.37 -21.54 -8.86
C17 HTZ C . -4.86 -23.32 -10.04
C20 HTZ C . -3.38 -22.45 -8.68
C21 HTZ C . -2.12 -22.36 -7.94
C22 HTZ C . -1.45 -23.54 -7.62
C24 HTZ C . -0.24 -23.46 -6.92
C26 HTZ C . 0.34 -22.24 -6.61
C28 HTZ C . -0.34 -21.06 -6.96
CL1 HTZ C . -5.96 -18.59 -2.72
C2 HTZ C . -5.52 -19.14 -4.33
C3 HTZ C . -5.52 -18.21 -5.37
N6 HTZ C . -5.13 -18.11 -7.83
C9 HTZ C . -4.59 -20.21 -8.28
C11 HTZ C . -4.86 -20.99 -5.77
N16 HTZ C . -5.28 -22.10 -9.69
N19 HTZ C . -3.75 -23.57 -9.49
C30 HTZ C . -1.56 -21.14 -7.60
C32 HTZ C . -6.54 -21.53 -10.18
C35 HTZ C . -7.54 -21.20 -9.09
C36 HTZ C . -8.47 -20.14 -9.20
C37 HTZ C . -9.37 -19.93 -8.18
C39 HTZ C . -9.38 -20.73 -7.06
C40 HTZ C . -8.46 -21.75 -6.90
C42 HTZ C . -7.56 -21.99 -7.94
CL2 HTZ C . -10.55 -20.41 -5.83
C45 HTZ C . -8.47 -19.26 -10.46
O48 HTZ C . -8.70 -20.07 -11.63
C50 HTZ C . -4.72 -18.46 -10.16
O51 HTZ C . -5.44 -17.44 -10.40
N52 HTZ C . -4.08 -19.07 -11.16
C53 HTZ C . -3.08 -20.10 -11.08
C56 HTZ C . -2.11 -19.71 -12.24
C58 HTZ C . -3.16 -19.38 -13.30
C61 HTZ C . -4.16 -18.52 -12.52
N64 HTZ C . -1.23 -20.86 -12.58
C65 HTZ C . -0.33 -21.15 -11.47
C68 HTZ C . 0.33 -22.53 -11.62
C71 HTZ C . 1.12 -22.83 -10.33
N74 HTZ C . 1.85 -24.12 -10.34
C75 HTZ C . 0.93 -25.29 -10.34
C79 HTZ C . 2.84 -24.25 -9.24
C83 HTZ C . -0.49 -20.55 -13.81
CL CL D . -11.77 -17.01 -9.79
CL CL E . -7.69 -25.91 -10.13
CL CL F . -12.61 -9.32 -13.82
C5 HTZ G . 8.34 12.52 -3.00
C8 HTZ G . 8.86 12.41 -5.13
C10 HTZ G . 8.65 11.19 -3.24
C13 HTZ G . 8.21 10.62 -0.98
C15 HTZ G . 9.25 9.83 -5.35
C17 HTZ G . 8.85 8.15 -6.67
C20 HTZ G . 10.24 8.91 -5.20
C21 HTZ G . 11.49 8.96 -4.42
C22 HTZ G . 12.20 7.76 -4.23
C24 HTZ G . 13.42 7.81 -3.55
C26 HTZ G . 13.94 9.02 -3.08
C28 HTZ G . 13.22 10.22 -3.28
CL1 HTZ G . 7.40 12.42 0.89
C2 HTZ G . 7.91 11.97 -0.73
C3 HTZ G . 7.96 12.95 -1.73
N6 HTZ G . 8.47 13.21 -4.14
C9 HTZ G . 8.99 11.12 -4.69
C11 HTZ G . 8.57 10.21 -2.25
N16 HTZ G . 8.39 9.33 -6.27
N19 HTZ G . 9.94 7.85 -6.08
C30 HTZ G . 12.01 10.17 -3.94
C32 HTZ G . 7.18 9.97 -6.79
C35 HTZ G . 6.09 10.19 -5.74
C36 HTZ G . 5.19 11.26 -5.85
C37 HTZ G . 4.19 11.40 -4.89
C39 HTZ G . 4.08 10.52 -3.85
C40 HTZ G . 4.98 9.47 -3.71
C42 HTZ G . 5.96 9.30 -4.69
CL2 HTZ G . 2.82 10.69 -2.70
C45 HTZ G . 5.25 12.29 -6.99
O48 HTZ G . 5.18 11.62 -8.28
C50 HTZ G . 8.98 13.00 -6.49
O51 HTZ G . 8.30 14.05 -6.72
N52 HTZ G . 9.67 12.44 -7.50
C53 HTZ G . 10.64 11.36 -7.41
C56 HTZ G . 11.60 11.77 -8.58
C58 HTZ G . 10.58 12.23 -9.65
C61 HTZ G . 9.63 13.10 -8.80
N64 HTZ G . 12.38 10.59 -8.98
C65 HTZ G . 13.24 10.12 -7.90
C68 HTZ G . 13.92 8.78 -8.24
C71 HTZ G . 14.69 8.35 -7.00
N74 HTZ G . 15.85 7.49 -7.32
C75 HTZ G . 15.59 6.23 -8.10
C79 HTZ G . 16.65 7.22 -6.10
C83 HTZ G . 13.20 10.91 -10.19
CL CL H . 2.04 14.54 -6.56
CL CL I . 6.13 5.25 -7.12
CL CL J . -4.50 31.95 1.26
CL CL K . 4.07 2.56 4.11
CL CL L . 1.90 22.60 -9.96
#